data_7VU2
#
_entry.id   7VU2
#
_cell.length_a   82.967
_cell.length_b   82.967
_cell.length_c   189.526
_cell.angle_alpha   90.000
_cell.angle_beta   90.000
_cell.angle_gamma   90.000
#
_symmetry.space_group_name_H-M   'P 42 21 2'
#
loop_
_entity.id
_entity.type
_entity.pdbx_description
1 polymer Chitoporin
2 non-polymer '2-(N-MORPHOLINO)-ETHANESULFONIC ACID'
3 non-polymer 'CALCIUM ION'
4 non-polymer (HYDROXYETHYLOXY)TRI(ETHYLOXY)OCTANE
5 water water
#
_entity_poly.entity_id   1
_entity_poly.type   'polypeptide(L)'
_entity_poly.pdbx_seq_one_letter_code
;AGFIDDSTLTGGIYYWQRERDRKDLNPDSKDYNQYTTNLSHSTANLSLDFASGYAWDMFGLDVGAFTAIELAESSASGHP
NEIAFSSKNRTYDEDYSGDKGGVSLYKAAAKFKYGPVWARAGYIQPSGQTLLAPHWSFMPGTYQGAEAGAKFDYGDAGAL
SFSYMWADKYKAPWHIEVDDFRQNDKKTRVSYLHSLGAKYDFKNDLVLEAAFGQAQGYVNQYFTKASYKFDVLGNPLTTS
YQFYGAEDRISDKNDPNSIYDGLAWLQALTFGYTTGQFNWRLEGTMVKAEGNQGFFLQRMTPTYASSNGRLDVWWDNRSD
FNANGEKAVYAGVMYDLSNWNLPGMAVGGSYVYAWDAKPSTNPIYDQSQRLKESAWSLDAMYTIQEGRAKGTLIKLHYTQ
YDNHTNIPSWGGGYGNIFQDEKDVKFMVIAPFTIF
;
_entity_poly.pdbx_strand_id   A
#
loop_
_chem_comp.id
_chem_comp.type
_chem_comp.name
_chem_comp.formula
C8E non-polymer (HYDROXYETHYLOXY)TRI(ETHYLOXY)OCTANE 'C16 H34 O5'
CA non-polymer 'CALCIUM ION' 'Ca 2'
MES non-polymer '2-(N-MORPHOLINO)-ETHANESULFONIC ACID' 'C6 H13 N O4 S'
#
# COMPACT_ATOMS: atom_id res chain seq x y z
N ALA A 1 -18.98 18.29 25.50
CA ALA A 1 -18.68 17.08 24.67
C ALA A 1 -19.88 16.77 23.79
N GLY A 2 -19.63 16.21 22.63
CA GLY A 2 -20.71 15.73 21.79
C GLY A 2 -20.44 16.00 20.34
N PHE A 3 -21.53 15.90 19.57
CA PHE A 3 -21.46 15.93 18.11
C PHE A 3 -20.74 17.18 17.62
N ILE A 4 -21.16 18.35 18.12
CA ILE A 4 -20.54 19.60 17.67
C ILE A 4 -19.27 19.89 18.47
N ASP A 5 -19.35 19.78 19.80
CA ASP A 5 -18.25 20.21 20.66
C ASP A 5 -16.92 19.58 20.25
N ASP A 6 -16.94 18.28 19.94
CA ASP A 6 -15.74 17.52 19.62
C ASP A 6 -15.51 17.39 18.13
N SER A 7 -16.27 18.12 17.31
CA SER A 7 -16.10 18.14 15.86
C SER A 7 -14.75 18.72 15.46
N THR A 8 -14.23 18.25 14.33
CA THR A 8 -13.04 18.85 13.75
C THR A 8 -13.23 19.03 12.25
N LEU A 9 -12.60 20.06 11.69
CA LEU A 9 -12.55 20.28 10.26
C LEU A 9 -11.09 20.51 9.91
N THR A 10 -10.54 19.59 9.13
CA THR A 10 -9.14 19.62 8.77
C THR A 10 -9.02 19.43 7.28
N GLY A 11 -7.83 19.70 6.76
CA GLY A 11 -7.59 19.55 5.35
C GLY A 11 -6.13 19.28 5.06
N GLY A 12 -5.82 19.19 3.77
CA GLY A 12 -4.47 18.95 3.35
C GLY A 12 -4.23 19.57 2.00
N ILE A 13 -3.03 20.11 1.83
CA ILE A 13 -2.52 20.52 0.53
C ILE A 13 -1.40 19.55 0.20
N TYR A 14 -1.43 18.97 -1.00
CA TYR A 14 -0.47 17.95 -1.37
C TYR A 14 0.09 18.26 -2.75
N TYR A 15 1.37 18.09 -2.93
CA TYR A 15 2.01 18.36 -4.21
C TYR A 15 2.93 17.20 -4.53
N TRP A 16 2.91 16.74 -5.80
CA TRP A 16 3.69 15.61 -6.24
C TRP A 16 4.31 15.92 -7.58
N GLN A 17 5.62 15.71 -7.70
CA GLN A 17 6.29 15.93 -8.97
C GLN A 17 7.20 14.74 -9.22
N ARG A 18 6.97 14.03 -10.32
CA ARG A 18 7.67 12.78 -10.53
C ARG A 18 8.24 12.65 -11.93
N GLU A 19 9.47 12.13 -11.98
CA GLU A 19 10.12 11.71 -13.22
C GLU A 19 10.48 10.25 -13.03
N ARG A 20 9.86 9.36 -13.80
CA ARG A 20 10.23 7.96 -13.79
C ARG A 20 10.55 7.53 -15.22
N ASP A 21 11.80 7.11 -15.43
CA ASP A 21 12.29 6.69 -16.73
C ASP A 21 12.64 5.22 -16.68
N ARG A 22 12.17 4.45 -17.66
CA ARG A 22 12.26 3.01 -17.63
C ARG A 22 12.87 2.54 -18.93
N LYS A 23 13.85 1.65 -18.83
CA LYS A 23 14.50 1.12 -20.01
C LYS A 23 13.50 0.34 -20.85
N ASP A 24 13.45 0.63 -22.14
CA ASP A 24 12.49 0.02 -23.05
C ASP A 24 13.20 -1.13 -23.76
N LEU A 25 12.83 -2.37 -23.43
CA LEU A 25 13.34 -3.55 -24.13
C LEU A 25 12.26 -4.26 -24.95
N ASN A 26 11.22 -3.54 -25.33
CA ASN A 26 10.21 -4.14 -26.19
C ASN A 26 10.84 -4.42 -27.55
N PRO A 27 10.65 -5.63 -28.10
CA PRO A 27 11.46 -6.03 -29.26
C PRO A 27 11.37 -5.07 -30.44
N ASP A 28 10.20 -4.54 -30.73
CA ASP A 28 10.02 -3.69 -31.91
C ASP A 28 10.18 -2.21 -31.58
N SER A 29 10.73 -1.87 -30.43
CA SER A 29 10.80 -0.47 -30.03
C SER A 29 11.84 0.30 -30.85
N LYS A 30 11.48 1.51 -31.22
CA LYS A 30 12.44 2.42 -31.84
C LYS A 30 13.43 2.98 -30.83
N ASP A 31 13.16 2.82 -29.53
CA ASP A 31 14.02 3.36 -28.48
C ASP A 31 14.62 2.24 -27.63
N TYR A 32 14.87 1.08 -28.24
CA TYR A 32 15.41 -0.06 -27.50
C TYR A 32 16.67 0.33 -26.75
N ASN A 33 16.71 -0.04 -25.47
CA ASN A 33 17.75 0.22 -24.48
C ASN A 33 17.66 1.61 -23.86
N GLN A 34 16.87 2.52 -24.41
CA GLN A 34 16.77 3.86 -23.86
C GLN A 34 15.88 3.90 -22.63
N TYR A 35 16.24 4.77 -21.69
CA TYR A 35 15.38 5.04 -20.54
C TYR A 35 14.38 6.11 -20.96
N THR A 36 13.25 5.68 -21.49
CA THR A 36 12.25 6.61 -21.98
C THR A 36 11.31 6.97 -20.85
N THR A 37 10.55 8.03 -21.05
CA THR A 37 9.59 8.45 -20.04
C THR A 37 8.60 7.33 -19.75
N ASN A 38 8.45 7.00 -18.49
CA ASN A 38 7.39 6.12 -18.00
C ASN A 38 6.35 6.87 -17.20
N LEU A 39 6.80 7.78 -16.33
CA LEU A 39 5.93 8.76 -15.70
C LEU A 39 6.61 10.11 -15.74
N SER A 40 5.85 11.14 -16.08
CA SER A 40 6.36 12.50 -16.04
C SER A 40 5.14 13.38 -15.80
N HIS A 41 4.93 13.78 -14.54
CA HIS A 41 3.75 14.57 -14.24
C HIS A 41 3.99 15.38 -12.98
N SER A 42 3.20 16.46 -12.90
CA SER A 42 3.17 17.36 -11.76
CA SER A 42 3.17 17.35 -11.76
C SER A 42 1.71 17.53 -11.37
N THR A 43 1.37 17.13 -10.14
CA THR A 43 -0.03 17.00 -9.75
C THR A 43 -0.22 17.38 -8.30
N ALA A 44 -1.33 18.08 -8.01
CA ALA A 44 -1.67 18.44 -6.65
C ALA A 44 -2.97 17.75 -6.24
N ASN A 45 -3.12 17.53 -4.93
CA ASN A 45 -4.39 17.17 -4.32
C ASN A 45 -4.75 18.23 -3.29
N LEU A 46 -6.04 18.40 -3.03
CA LEU A 46 -6.53 19.19 -1.90
C LEU A 46 -7.59 18.36 -1.21
N SER A 47 -7.54 18.26 0.12
CA SER A 47 -8.53 17.48 0.85
C SER A 47 -9.17 18.31 1.95
N LEU A 48 -10.38 17.90 2.33
CA LEU A 48 -11.10 18.50 3.45
C LEU A 48 -11.90 17.41 4.12
N ASP A 49 -11.79 17.34 5.45
CA ASP A 49 -12.42 16.29 6.24
C ASP A 49 -13.15 16.90 7.41
N PHE A 50 -14.45 16.61 7.52
CA PHE A 50 -15.22 16.91 8.71
C PHE A 50 -15.36 15.62 9.52
N ALA A 51 -15.00 15.68 10.79
CA ALA A 51 -15.21 14.54 11.70
C ALA A 51 -16.00 15.05 12.89
N SER A 52 -17.20 14.52 13.07
CA SER A 52 -18.03 15.00 14.18
C SER A 52 -17.55 14.37 15.49
N GLY A 53 -18.06 14.93 16.59
CA GLY A 53 -18.01 14.23 17.85
C GLY A 53 -19.10 13.17 17.89
N TYR A 54 -19.28 12.57 19.06
CA TYR A 54 -20.29 11.53 19.23
C TYR A 54 -21.48 12.10 20.00
N ALA A 55 -22.62 12.22 19.32
CA ALA A 55 -23.87 12.53 20.01
C ALA A 55 -24.20 11.40 21.00
N TRP A 56 -24.59 11.79 22.22
CA TRP A 56 -24.89 10.83 23.29
C TRP A 56 -23.72 9.88 23.53
N ASP A 57 -22.52 10.33 23.18
CA ASP A 57 -21.31 9.48 23.19
C ASP A 57 -21.50 8.18 22.42
N MET A 58 -22.36 8.16 21.39
CA MET A 58 -22.64 6.92 20.67
CA MET A 58 -22.64 6.92 20.67
C MET A 58 -22.74 7.05 19.16
N PHE A 59 -23.04 8.22 18.61
CA PHE A 59 -23.28 8.35 17.18
C PHE A 59 -22.59 9.57 16.61
N GLY A 60 -21.86 9.38 15.51
CA GLY A 60 -21.24 10.49 14.81
C GLY A 60 -21.22 10.24 13.32
N LEU A 61 -20.64 11.22 12.60
CA LEU A 61 -20.57 11.19 11.15
C LEU A 61 -19.24 11.80 10.71
N ASP A 62 -18.58 11.17 9.73
CA ASP A 62 -17.41 11.73 9.09
C ASP A 62 -17.67 11.89 7.59
N VAL A 63 -17.27 13.03 7.04
CA VAL A 63 -17.41 13.27 5.61
C VAL A 63 -16.10 13.88 5.14
N GLY A 64 -15.54 13.30 4.08
CA GLY A 64 -14.30 13.79 3.53
C GLY A 64 -14.30 13.73 2.02
N ALA A 65 -13.72 14.73 1.38
CA ALA A 65 -13.62 14.78 -0.07
C ALA A 65 -12.27 15.33 -0.47
N PHE A 66 -11.85 15.03 -1.70
CA PHE A 66 -10.60 15.63 -2.16
C PHE A 66 -10.68 15.86 -3.65
N THR A 67 -9.84 16.75 -4.13
CA THR A 67 -9.75 17.05 -5.55
CA THR A 67 -9.75 17.05 -5.55
C THR A 67 -8.32 16.81 -6.02
N ALA A 68 -8.19 16.51 -7.30
CA ALA A 68 -6.88 16.37 -7.93
C ALA A 68 -6.82 17.42 -9.01
N ILE A 69 -5.67 18.07 -9.10
CA ILE A 69 -5.45 19.17 -10.03
C ILE A 69 -4.17 18.86 -10.80
N GLU A 70 -4.25 18.84 -12.12
CA GLU A 70 -3.12 18.49 -12.96
C GLU A 70 -2.40 19.77 -13.34
N LEU A 71 -1.12 19.87 -12.97
CA LEU A 71 -0.32 20.97 -13.44
C LEU A 71 0.31 20.66 -14.79
N ALA A 72 0.90 19.48 -14.92
CA ALA A 72 1.59 19.11 -16.14
C ALA A 72 1.60 17.60 -16.27
N GLU A 73 1.63 17.14 -17.53
CA GLU A 73 1.80 15.71 -17.81
C GLU A 73 2.33 15.57 -19.21
N SER A 74 3.49 14.93 -19.36
CA SER A 74 4.03 14.66 -20.68
CA SER A 74 4.03 14.67 -20.69
C SER A 74 3.10 13.73 -21.47
N SER A 75 3.03 13.95 -22.79
CA SER A 75 2.23 13.02 -23.61
C SER A 75 2.69 11.58 -23.46
N ALA A 76 3.96 11.35 -23.12
CA ALA A 76 4.48 9.99 -22.97
C ALA A 76 4.25 9.39 -21.59
N SER A 77 3.78 10.17 -20.62
CA SER A 77 3.59 9.65 -19.27
C SER A 77 2.50 8.57 -19.28
N GLY A 78 2.74 7.52 -18.51
CA GLY A 78 1.80 6.42 -18.45
C GLY A 78 0.61 6.71 -17.54
N HIS A 79 -0.38 5.84 -17.62
CA HIS A 79 -1.65 6.03 -16.94
C HIS A 79 -2.17 4.75 -16.32
N PRO A 80 -2.87 4.85 -15.17
CA PRO A 80 -3.03 6.04 -14.33
C PRO A 80 -1.77 6.26 -13.50
N ASN A 81 -1.49 7.50 -13.08
CA ASN A 81 -0.29 7.75 -12.29
C ASN A 81 -0.53 7.65 -10.79
N GLU A 82 -1.79 7.45 -10.37
CA GLU A 82 -2.26 7.16 -9.02
C GLU A 82 -2.34 8.41 -8.15
N ILE A 83 -1.94 9.57 -8.66
CA ILE A 83 -2.07 10.85 -7.95
C ILE A 83 -3.20 11.68 -8.54
N ALA A 84 -3.23 11.82 -9.86
CA ALA A 84 -4.43 12.29 -10.54
C ALA A 84 -5.50 11.20 -10.45
N PHE A 85 -6.66 11.46 -11.05
CA PHE A 85 -7.67 10.42 -11.24
C PHE A 85 -7.44 9.73 -12.59
N SER A 86 -7.63 8.41 -12.62
CA SER A 86 -7.70 7.73 -13.89
C SER A 86 -8.84 8.32 -14.72
N SER A 87 -8.63 8.39 -16.04
CA SER A 87 -9.70 8.80 -16.95
CA SER A 87 -9.69 8.80 -16.94
C SER A 87 -10.88 7.83 -16.90
N LYS A 88 -10.66 6.59 -16.48
CA LYS A 88 -11.74 5.62 -16.31
C LYS A 88 -12.20 5.66 -14.85
N ASN A 89 -13.51 5.83 -14.64
CA ASN A 89 -13.99 6.14 -13.30
C ASN A 89 -14.10 4.95 -12.37
N ARG A 90 -14.11 3.73 -12.89
CA ARG A 90 -14.26 2.55 -12.06
C ARG A 90 -13.19 1.52 -12.35
N THR A 91 -12.83 0.76 -11.31
CA THR A 91 -11.82 -0.28 -11.36
C THR A 91 -11.75 -1.02 -12.70
N TYR A 92 -12.85 -1.68 -13.06
CA TYR A 92 -12.78 -2.65 -14.14
C TYR A 92 -12.99 -2.03 -15.51
N ASP A 93 -13.16 -0.72 -15.57
CA ASP A 93 -13.14 -0.01 -16.84
C ASP A 93 -11.76 0.50 -17.18
N GLU A 94 -10.77 0.25 -16.32
CA GLU A 94 -9.42 0.73 -16.55
C GLU A 94 -8.86 0.18 -17.85
N ASP A 95 -8.33 1.07 -18.69
CA ASP A 95 -7.62 0.68 -19.89
C ASP A 95 -6.29 1.40 -20.04
N TYR A 96 -5.85 2.11 -19.00
CA TYR A 96 -4.51 2.68 -18.93
C TYR A 96 -4.30 3.74 -20.02
N SER A 97 -5.37 4.47 -20.33
CA SER A 97 -5.35 5.39 -21.45
C SER A 97 -5.21 6.84 -21.02
N GLY A 98 -5.47 7.19 -19.77
CA GLY A 98 -5.41 8.60 -19.40
C GLY A 98 -5.54 8.88 -17.93
N ASP A 99 -5.22 10.13 -17.59
CA ASP A 99 -5.38 10.71 -16.25
C ASP A 99 -6.16 12.02 -16.38
N LYS A 100 -6.79 12.44 -15.28
CA LYS A 100 -7.55 13.67 -15.30
C LYS A 100 -7.64 14.25 -13.89
N GLY A 101 -8.04 15.51 -13.83
CA GLY A 101 -8.44 16.09 -12.56
C GLY A 101 -9.86 15.69 -12.20
N GLY A 102 -10.28 16.03 -10.99
CA GLY A 102 -11.63 15.72 -10.56
C GLY A 102 -11.81 15.87 -9.07
N VAL A 103 -12.96 15.37 -8.60
CA VAL A 103 -13.31 15.43 -7.18
CA VAL A 103 -13.32 15.44 -7.18
C VAL A 103 -13.91 14.08 -6.78
N SER A 104 -13.57 13.63 -5.58
CA SER A 104 -14.07 12.36 -5.09
C SER A 104 -14.52 12.49 -3.64
N LEU A 105 -15.67 11.90 -3.34
CA LEU A 105 -16.17 11.77 -1.96
C LEU A 105 -15.54 10.48 -1.42
N TYR A 106 -14.52 10.63 -0.58
CA TYR A 106 -13.72 9.47 -0.21
C TYR A 106 -14.01 8.96 1.20
N LYS A 107 -14.75 9.71 1.99
CA LYS A 107 -15.17 9.31 3.31
C LYS A 107 -16.59 9.83 3.55
N ALA A 108 -17.49 8.91 3.93
CA ALA A 108 -18.89 9.29 4.17
C ALA A 108 -19.45 8.15 5.02
N ALA A 109 -19.33 8.30 6.34
CA ALA A 109 -19.49 7.20 7.26
C ALA A 109 -20.25 7.64 8.50
N ALA A 110 -21.18 6.79 8.93
CA ALA A 110 -21.71 6.85 10.28
C ALA A 110 -20.77 6.07 11.19
N LYS A 111 -20.51 6.61 12.37
CA LYS A 111 -19.65 5.92 13.33
C LYS A 111 -20.42 5.76 14.62
N PHE A 112 -20.09 4.69 15.35
CA PHE A 112 -20.86 4.23 16.47
C PHE A 112 -19.92 3.81 17.59
N LYS A 113 -20.37 4.02 18.83
CA LYS A 113 -19.68 3.53 20.01
C LYS A 113 -20.72 3.06 21.00
N TYR A 114 -20.47 1.91 21.64
CA TYR A 114 -21.35 1.34 22.67
C TYR A 114 -20.45 0.53 23.58
N GLY A 115 -20.11 1.09 24.74
CA GLY A 115 -19.18 0.44 25.64
C GLY A 115 -17.85 0.21 24.95
N PRO A 116 -17.37 -1.04 24.94
CA PRO A 116 -16.08 -1.33 24.29
C PRO A 116 -16.18 -1.53 22.79
N VAL A 117 -17.36 -1.44 22.22
CA VAL A 117 -17.63 -1.77 20.82
C VAL A 117 -17.65 -0.49 19.99
N TRP A 118 -17.14 -0.58 18.76
CA TRP A 118 -17.14 0.55 17.83
C TRP A 118 -17.54 -0.01 16.48
N ALA A 119 -18.10 0.85 15.62
CA ALA A 119 -18.43 0.46 14.27
C ALA A 119 -18.38 1.70 13.38
N ARG A 120 -18.15 1.47 12.09
CA ARG A 120 -18.24 2.50 11.07
C ARG A 120 -18.92 1.87 9.87
N ALA A 121 -19.79 2.64 9.20
CA ALA A 121 -20.51 2.13 8.05
C ALA A 121 -20.68 3.22 7.00
N GLY A 122 -20.59 2.82 5.73
CA GLY A 122 -20.80 3.71 4.61
C GLY A 122 -19.63 3.64 3.66
N TYR A 123 -19.07 4.80 3.31
CA TYR A 123 -17.82 4.90 2.57
C TYR A 123 -16.72 4.98 3.61
N ILE A 124 -15.97 3.89 3.79
CA ILE A 124 -15.08 3.77 4.94
C ILE A 124 -13.72 3.26 4.49
N GLN A 125 -12.74 3.54 5.35
CA GLN A 125 -11.44 2.87 5.34
C GLN A 125 -11.37 1.85 6.46
N PRO A 126 -10.74 0.70 6.22
CA PRO A 126 -10.47 -0.24 7.31
C PRO A 126 -9.70 0.48 8.41
N SER A 127 -10.11 0.25 9.64
CA SER A 127 -9.45 0.90 10.77
C SER A 127 -9.09 -0.04 11.90
N GLY A 128 -9.52 -1.29 11.87
CA GLY A 128 -9.25 -2.18 12.97
C GLY A 128 -8.13 -3.17 12.72
N GLN A 129 -8.45 -4.43 13.01
CA GLN A 129 -7.46 -5.50 13.05
C GLN A 129 -7.55 -6.47 11.87
N THR A 130 -8.32 -6.16 10.83
CA THR A 130 -8.44 -7.11 9.72
C THR A 130 -7.27 -6.93 8.74
N LEU A 131 -7.26 -7.77 7.69
CA LEU A 131 -6.26 -7.65 6.64
C LEU A 131 -6.77 -6.90 5.42
N LEU A 132 -8.00 -6.41 5.45
CA LEU A 132 -8.43 -5.46 4.42
C LEU A 132 -7.71 -4.13 4.61
N ALA A 133 -7.33 -3.50 3.51
CA ALA A 133 -6.64 -2.22 3.57
C ALA A 133 -7.03 -1.38 2.36
N PRO A 134 -6.97 -0.07 2.48
CA PRO A 134 -7.07 0.77 1.28
C PRO A 134 -5.72 0.84 0.59
N HIS A 135 -5.74 1.21 -0.69
CA HIS A 135 -4.54 1.77 -1.29
C HIS A 135 -4.30 3.14 -0.69
N TRP A 136 -3.04 3.54 -0.59
CA TRP A 136 -2.71 4.90 -0.20
C TRP A 136 -1.92 5.61 -1.29
N SER A 137 -2.46 6.71 -1.80
CA SER A 137 -1.65 7.71 -2.52
C SER A 137 -1.47 8.81 -1.47
N PHE A 138 -1.79 10.07 -1.80
CA PHE A 138 -1.93 11.05 -0.71
C PHE A 138 -3.14 10.74 0.15
N MET A 139 -4.22 10.36 -0.46
CA MET A 139 -5.49 9.94 0.08
C MET A 139 -5.63 8.41 0.02
N PRO A 140 -6.44 7.85 0.91
CA PRO A 140 -6.75 6.42 0.86
C PRO A 140 -7.90 6.11 -0.08
N GLY A 141 -7.93 4.84 -0.53
CA GLY A 141 -9.09 4.30 -1.20
C GLY A 141 -10.27 4.19 -0.26
N THR A 142 -11.42 3.85 -0.85
CA THR A 142 -12.70 3.87 -0.18
C THR A 142 -13.45 2.57 -0.44
N TYR A 143 -13.84 1.89 0.63
CA TYR A 143 -14.75 0.76 0.56
C TYR A 143 -16.18 1.20 0.86
N GLN A 144 -17.14 0.57 0.19
CA GLN A 144 -18.55 0.64 0.57
C GLN A 144 -18.81 -0.58 1.45
N GLY A 145 -19.05 -0.36 2.74
CA GLY A 145 -19.15 -1.49 3.64
C GLY A 145 -19.26 -1.03 5.07
N ALA A 146 -18.85 -1.91 5.97
CA ALA A 146 -18.97 -1.61 7.40
C ALA A 146 -17.94 -2.43 8.16
N GLU A 147 -17.48 -1.86 9.26
CA GLU A 147 -16.54 -2.55 10.15
C GLU A 147 -17.01 -2.35 11.58
N ALA A 148 -16.93 -3.41 12.38
CA ALA A 148 -17.24 -3.31 13.80
C ALA A 148 -16.16 -4.04 14.57
N GLY A 149 -15.85 -3.55 15.77
CA GLY A 149 -14.86 -4.21 16.56
C GLY A 149 -15.00 -3.84 18.01
N ALA A 150 -14.04 -4.30 18.80
CA ALA A 150 -14.06 -4.07 20.23
C ALA A 150 -12.64 -4.07 20.76
N LYS A 151 -12.46 -3.46 21.92
CA LYS A 151 -11.17 -3.53 22.61
C LYS A 151 -11.46 -3.83 24.08
N PHE A 152 -10.70 -4.77 24.64
CA PHE A 152 -10.79 -5.13 26.05
C PHE A 152 -9.39 -4.97 26.64
N ASP A 153 -9.21 -3.95 27.46
CA ASP A 153 -7.93 -3.72 28.12
C ASP A 153 -7.96 -4.42 29.47
N TYR A 154 -7.11 -5.44 29.62
CA TYR A 154 -6.98 -6.14 30.89
C TYR A 154 -5.82 -5.60 31.73
N GLY A 155 -5.29 -4.43 31.40
CA GLY A 155 -4.24 -3.84 32.22
C GLY A 155 -2.96 -4.64 32.11
N ASP A 156 -2.41 -5.00 33.28
CA ASP A 156 -1.13 -5.73 33.32
C ASP A 156 -1.18 -7.02 32.51
N ALA A 157 -2.34 -7.63 32.37
CA ALA A 157 -2.42 -8.90 31.67
C ALA A 157 -2.48 -8.75 30.15
N GLY A 158 -2.58 -7.53 29.65
CA GLY A 158 -2.57 -7.25 28.21
C GLY A 158 -3.89 -6.67 27.74
N ALA A 159 -3.92 -6.37 26.44
CA ALA A 159 -5.10 -5.77 25.82
C ALA A 159 -5.43 -6.50 24.52
N LEU A 160 -6.71 -6.82 24.34
CA LEU A 160 -7.21 -7.53 23.17
C LEU A 160 -8.00 -6.57 22.30
N SER A 161 -7.74 -6.61 21.00
CA SER A 161 -8.50 -5.84 20.01
C SER A 161 -8.88 -6.80 18.89
N PHE A 162 -10.10 -6.68 18.37
CA PHE A 162 -10.48 -7.47 17.22
C PHE A 162 -11.57 -6.74 16.46
N SER A 163 -11.67 -7.05 15.16
CA SER A 163 -12.70 -6.39 14.37
C SER A 163 -13.02 -7.26 13.16
N TYR A 164 -14.17 -6.95 12.58
CA TYR A 164 -14.70 -7.63 11.40
C TYR A 164 -15.14 -6.58 10.41
N MET A 165 -14.74 -6.74 9.15
CA MET A 165 -15.13 -5.80 8.12
C MET A 165 -15.69 -6.54 6.91
N TRP A 166 -16.70 -5.95 6.30
CA TRP A 166 -17.39 -6.48 5.12
C TRP A 166 -17.53 -5.34 4.13
N ALA A 167 -17.34 -5.62 2.85
CA ALA A 167 -17.49 -4.59 1.83
C ALA A 167 -17.98 -5.24 0.54
N ASP A 168 -18.77 -4.50 -0.24
CA ASP A 168 -19.19 -5.00 -1.54
C ASP A 168 -18.76 -4.13 -2.71
N LYS A 169 -18.15 -2.97 -2.48
CA LYS A 169 -17.56 -2.17 -3.54
C LYS A 169 -16.32 -1.44 -3.01
N TYR A 170 -15.54 -0.90 -3.95
CA TYR A 170 -14.28 -0.23 -3.63
C TYR A 170 -13.90 0.73 -4.75
N LYS A 171 -13.21 1.80 -4.36
CA LYS A 171 -12.49 2.63 -5.30
C LYS A 171 -11.12 2.96 -4.73
N ALA A 172 -10.08 2.72 -5.53
CA ALA A 172 -8.77 3.27 -5.26
C ALA A 172 -8.87 4.79 -5.27
N PRO A 173 -7.88 5.49 -4.68
CA PRO A 173 -7.97 6.96 -4.66
C PRO A 173 -7.80 7.60 -6.04
N TRP A 174 -7.42 6.82 -7.05
CA TRP A 174 -7.40 7.29 -8.43
C TRP A 174 -8.67 6.92 -9.19
N HIS A 175 -9.74 6.54 -8.49
CA HIS A 175 -11.03 6.37 -9.15
C HIS A 175 -12.08 7.17 -8.41
N ILE A 176 -12.89 7.91 -9.18
CA ILE A 176 -13.92 8.75 -8.57
CA ILE A 176 -13.90 8.75 -8.55
C ILE A 176 -15.15 7.96 -8.15
N GLU A 177 -15.38 6.80 -8.77
CA GLU A 177 -16.55 5.98 -8.49
C GLU A 177 -16.16 4.59 -7.99
N VAL A 178 -16.97 4.04 -7.08
CA VAL A 178 -16.73 2.68 -6.61
C VAL A 178 -17.13 1.70 -7.70
N ASP A 179 -16.47 0.54 -7.70
CA ASP A 179 -16.81 -0.59 -8.55
C ASP A 179 -17.01 -1.82 -7.67
N ASP A 180 -17.60 -2.84 -8.25
CA ASP A 180 -17.75 -4.12 -7.56
C ASP A 180 -16.42 -4.87 -7.59
N PHE A 181 -16.45 -6.11 -7.10
CA PHE A 181 -15.29 -7.00 -7.09
C PHE A 181 -15.52 -8.16 -8.06
N ARG A 182 -14.45 -8.61 -8.70
CA ARG A 182 -14.54 -9.66 -9.70
C ARG A 182 -13.31 -10.55 -9.60
N GLN A 183 -13.37 -11.68 -10.31
CA GLN A 183 -12.24 -12.59 -10.40
C GLN A 183 -11.25 -12.07 -11.44
N ASN A 184 -10.21 -12.86 -11.71
CA ASN A 184 -9.15 -12.41 -12.62
C ASN A 184 -9.68 -12.06 -14.01
N ASP A 185 -10.75 -12.71 -14.46
CA ASP A 185 -11.30 -12.46 -15.79
C ASP A 185 -12.04 -11.13 -15.89
N LYS A 186 -12.15 -10.39 -14.80
CA LYS A 186 -12.82 -9.09 -14.76
C LYS A 186 -14.29 -9.17 -15.16
N LYS A 187 -14.88 -10.36 -15.02
CA LYS A 187 -16.27 -10.59 -15.42
C LYS A 187 -17.01 -11.38 -14.35
N THR A 188 -16.41 -12.48 -13.88
CA THR A 188 -17.05 -13.30 -12.86
C THR A 188 -17.09 -12.53 -11.54
N ARG A 189 -18.28 -12.38 -10.97
N ARG A 189 -18.28 -12.39 -10.97
CA ARG A 189 -18.44 -11.47 -9.85
CA ARG A 189 -18.45 -11.49 -9.84
C ARG A 189 -17.98 -12.10 -8.54
C ARG A 189 -17.97 -12.11 -8.54
N VAL A 190 -17.57 -11.24 -7.62
CA VAL A 190 -17.19 -11.61 -6.25
C VAL A 190 -18.09 -10.71 -5.39
N SER A 191 -19.07 -11.29 -4.71
CA SER A 191 -20.15 -10.48 -4.16
C SER A 191 -19.72 -9.66 -2.94
N TYR A 192 -18.71 -10.11 -2.21
CA TYR A 192 -18.21 -9.34 -1.07
C TYR A 192 -16.76 -9.73 -0.79
N LEU A 193 -16.06 -8.83 -0.12
CA LEU A 193 -14.84 -9.14 0.62
C LEU A 193 -15.17 -9.00 2.09
N HIS A 194 -14.62 -9.87 2.94
CA HIS A 194 -14.69 -9.62 4.38
C HIS A 194 -13.45 -10.16 5.06
N SER A 195 -13.23 -9.72 6.29
CA SER A 195 -12.05 -10.11 7.03
C SER A 195 -12.30 -9.94 8.52
N LEU A 196 -11.68 -10.82 9.29
CA LEU A 196 -11.72 -10.83 10.75
C LEU A 196 -10.28 -10.88 11.25
N GLY A 197 -9.95 -10.05 12.22
CA GLY A 197 -8.63 -10.14 12.79
C GLY A 197 -8.59 -9.72 14.24
N ALA A 198 -7.42 -9.93 14.84
CA ALA A 198 -7.23 -9.68 16.26
C ALA A 198 -5.80 -9.27 16.53
N LYS A 199 -5.62 -8.61 17.67
CA LYS A 199 -4.33 -8.17 18.16
C LYS A 199 -4.32 -8.37 19.67
N TYR A 200 -3.20 -8.86 20.20
CA TYR A 200 -3.03 -8.93 21.65
C TYR A 200 -1.71 -8.28 22.00
N ASP A 201 -1.78 -7.23 22.84
CA ASP A 201 -0.60 -6.48 23.28
C ASP A 201 -0.34 -6.89 24.72
N PHE A 202 0.80 -7.56 24.95
CA PHE A 202 1.10 -8.05 26.29
C PHE A 202 1.73 -7.00 27.19
N LYS A 203 1.87 -5.77 26.71
CA LYS A 203 2.36 -4.64 27.50
C LYS A 203 3.80 -4.81 27.95
N ASN A 204 4.53 -5.74 27.33
CA ASN A 204 5.95 -5.94 27.58
C ASN A 204 6.73 -5.90 26.27
N ASP A 205 6.23 -5.16 25.29
CA ASP A 205 6.77 -4.99 23.95
C ASP A 205 6.45 -6.18 23.02
N LEU A 206 5.84 -7.27 23.51
CA LEU A 206 5.41 -8.36 22.63
C LEU A 206 3.97 -8.09 22.17
N VAL A 207 3.78 -8.06 20.85
CA VAL A 207 2.48 -7.85 20.24
C VAL A 207 2.28 -8.94 19.19
N LEU A 208 1.14 -9.63 19.29
CA LEU A 208 0.75 -10.67 18.35
C LEU A 208 -0.46 -10.22 17.56
N GLU A 209 -0.47 -10.47 16.25
CA GLU A 209 -1.57 -10.07 15.38
C GLU A 209 -1.86 -11.20 14.39
N ALA A 210 -3.13 -11.34 14.02
CA ALA A 210 -3.54 -12.35 13.06
C ALA A 210 -4.86 -11.94 12.43
N ALA A 211 -5.03 -12.32 11.16
CA ALA A 211 -6.27 -12.00 10.47
C ALA A 211 -6.50 -13.02 9.36
N PHE A 212 -7.77 -13.13 8.96
CA PHE A 212 -8.23 -14.04 7.92
C PHE A 212 -9.18 -13.23 7.06
N GLY A 213 -9.16 -13.47 5.76
CA GLY A 213 -10.05 -12.76 4.87
C GLY A 213 -10.51 -13.66 3.75
N GLN A 214 -11.62 -13.27 3.13
CA GLN A 214 -12.08 -13.96 1.94
C GLN A 214 -12.60 -13.00 0.90
N ALA A 215 -12.34 -13.33 -0.37
CA ALA A 215 -13.10 -12.84 -1.50
C ALA A 215 -14.12 -13.94 -1.80
N GLN A 216 -15.40 -13.57 -1.78
CA GLN A 216 -16.48 -14.54 -1.92
C GLN A 216 -16.22 -15.49 -3.06
N GLY A 217 -16.23 -16.80 -2.76
CA GLY A 217 -16.16 -17.84 -3.76
C GLY A 217 -14.84 -17.95 -4.47
N TYR A 218 -13.78 -17.29 -3.98
CA TYR A 218 -12.60 -17.14 -4.80
C TYR A 218 -11.26 -17.21 -4.10
N VAL A 219 -11.06 -16.44 -3.03
CA VAL A 219 -9.75 -16.37 -2.38
C VAL A 219 -9.91 -16.39 -0.86
N ASN A 220 -9.03 -17.13 -0.21
CA ASN A 220 -8.84 -17.08 1.24
C ASN A 220 -7.48 -16.47 1.50
N GLN A 221 -7.39 -15.57 2.49
CA GLN A 221 -6.20 -14.77 2.75
C GLN A 221 -5.89 -14.83 4.23
N TYR A 222 -4.60 -14.84 4.55
CA TYR A 222 -4.09 -15.07 5.88
C TYR A 222 -3.02 -14.05 6.24
N PHE A 223 -2.94 -13.73 7.53
CA PHE A 223 -1.93 -12.80 8.03
C PHE A 223 -1.61 -13.15 9.48
N THR A 224 -0.33 -13.25 9.80
CA THR A 224 0.07 -13.28 11.20
C THR A 224 1.35 -12.49 11.39
N LYS A 225 1.53 -11.95 12.58
CA LYS A 225 2.70 -11.12 12.84
C LYS A 225 3.03 -11.21 14.33
N ALA A 226 4.31 -11.35 14.63
CA ALA A 226 4.83 -11.22 15.99
C ALA A 226 5.86 -10.11 15.98
N SER A 227 5.75 -9.19 16.92
CA SER A 227 6.65 -8.05 17.05
C SER A 227 7.23 -8.05 18.44
N TYR A 228 8.50 -7.71 18.58
CA TYR A 228 9.14 -7.61 19.87
C TYR A 228 10.25 -6.57 19.79
N LYS A 229 10.59 -6.02 20.96
CA LYS A 229 11.60 -4.99 21.07
C LYS A 229 12.37 -5.26 22.35
N PHE A 230 13.69 -5.13 22.26
CA PHE A 230 14.57 -5.30 23.42
C PHE A 230 15.88 -4.59 23.11
N ASP A 231 16.65 -4.34 24.17
CA ASP A 231 17.91 -3.64 24.02
C ASP A 231 19.01 -4.60 23.58
N VAL A 232 19.83 -4.14 22.64
CA VAL A 232 21.08 -4.80 22.27
C VAL A 232 22.17 -3.75 22.41
N LEU A 233 23.12 -4.00 23.30
CA LEU A 233 24.18 -3.04 23.61
C LEU A 233 23.63 -1.65 23.92
N GLY A 234 22.58 -1.60 24.70
CA GLY A 234 22.06 -0.34 25.21
C GLY A 234 21.10 0.39 24.29
N ASN A 235 20.81 -0.15 23.10
CA ASN A 235 19.97 0.50 22.13
C ASN A 235 18.81 -0.41 21.74
N PRO A 236 17.66 0.16 21.38
CA PRO A 236 16.47 -0.68 21.12
C PRO A 236 16.58 -1.39 19.77
N LEU A 237 16.44 -2.71 19.81
CA LEU A 237 16.32 -3.55 18.62
C LEU A 237 14.86 -3.95 18.48
N THR A 238 14.22 -3.52 17.40
CA THR A 238 12.84 -3.91 17.12
C THR A 238 12.86 -5.04 16.10
N THR A 239 12.03 -6.06 16.32
CA THR A 239 12.02 -7.24 15.48
CA THR A 239 12.03 -7.23 15.46
C THR A 239 10.59 -7.62 15.15
N SER A 240 10.40 -8.22 13.98
CA SER A 240 9.09 -8.77 13.66
C SER A 240 9.27 -9.93 12.71
N TYR A 241 8.37 -10.89 12.83
CA TYR A 241 8.22 -11.96 11.85
C TYR A 241 6.81 -11.81 11.30
N GLN A 242 6.67 -11.89 9.98
CA GLN A 242 5.37 -11.66 9.36
C GLN A 242 5.09 -12.77 8.37
N PHE A 243 3.85 -13.24 8.36
CA PHE A 243 3.39 -14.26 7.41
C PHE A 243 2.17 -13.73 6.68
N TYR A 244 2.21 -13.80 5.35
CA TYR A 244 1.09 -13.43 4.48
C TYR A 244 0.83 -14.64 3.61
N GLY A 245 -0.43 -15.09 3.52
CA GLY A 245 -0.75 -16.26 2.76
C GLY A 245 -2.02 -16.08 1.97
N ALA A 246 -2.13 -16.86 0.90
CA ALA A 246 -3.31 -16.80 0.04
C ALA A 246 -3.47 -18.13 -0.66
N GLU A 247 -4.71 -18.48 -0.91
CA GLU A 247 -5.06 -19.63 -1.75
C GLU A 247 -6.29 -19.20 -2.52
N ASP A 248 -6.45 -19.72 -3.72
CA ASP A 248 -7.72 -19.51 -4.40
C ASP A 248 -8.56 -20.77 -4.25
N ARG A 249 -9.81 -20.68 -4.72
CA ARG A 249 -10.74 -21.81 -4.63
C ARG A 249 -11.05 -22.39 -6.01
N ILE A 250 -10.10 -22.28 -6.93
CA ILE A 250 -10.19 -22.87 -8.28
C ILE A 250 -8.98 -23.77 -8.43
N SER A 251 -9.18 -25.07 -8.17
CA SER A 251 -8.07 -26.02 -8.17
C SER A 251 -7.46 -26.23 -9.55
N ASP A 252 -8.27 -26.14 -10.61
CA ASP A 252 -7.81 -26.39 -11.98
C ASP A 252 -6.80 -25.34 -12.37
N LYS A 253 -5.53 -25.75 -12.47
CA LYS A 253 -4.45 -24.79 -12.60
C LYS A 253 -4.48 -24.04 -13.92
N ASN A 254 -5.08 -24.60 -14.98
N ASN A 254 -5.08 -24.63 -14.97
CA ASN A 254 -5.13 -23.90 -16.25
CA ASN A 254 -5.18 -24.01 -16.29
C ASN A 254 -6.44 -23.15 -16.46
C ASN A 254 -6.40 -23.10 -16.42
N ASP A 255 -7.31 -23.11 -15.45
CA ASP A 255 -8.46 -22.22 -15.48
C ASP A 255 -7.96 -20.79 -15.49
N PRO A 256 -8.48 -19.92 -16.35
CA PRO A 256 -7.97 -18.55 -16.42
C PRO A 256 -8.25 -17.73 -15.16
N ASN A 257 -9.17 -18.17 -14.32
CA ASN A 257 -9.40 -17.50 -13.04
C ASN A 257 -8.60 -18.11 -11.90
N SER A 258 -7.87 -19.21 -12.12
CA SER A 258 -6.95 -19.71 -11.12
C SER A 258 -5.71 -18.82 -11.11
N ILE A 259 -5.37 -18.28 -9.94
CA ILE A 259 -4.19 -17.43 -9.81
C ILE A 259 -3.10 -18.07 -8.98
N TYR A 260 -3.45 -18.96 -8.05
CA TYR A 260 -2.48 -19.66 -7.24
C TYR A 260 -2.67 -21.17 -7.35
N ASP A 261 -1.57 -21.91 -7.22
CA ASP A 261 -1.60 -23.35 -7.05
C ASP A 261 -1.19 -23.67 -5.62
N GLY A 262 -2.10 -24.28 -4.86
CA GLY A 262 -1.86 -24.49 -3.45
C GLY A 262 -1.72 -23.17 -2.73
N LEU A 263 -1.01 -23.21 -1.61
CA LEU A 263 -0.81 -22.03 -0.77
C LEU A 263 0.34 -21.19 -1.29
N ALA A 264 0.07 -19.91 -1.55
CA ALA A 264 1.08 -18.90 -1.84
C ALA A 264 1.34 -18.11 -0.56
N TRP A 265 2.56 -17.60 -0.43
CA TRP A 265 2.87 -16.84 0.76
C TRP A 265 4.04 -15.90 0.55
N LEU A 266 4.09 -14.89 1.41
CA LEU A 266 5.24 -14.01 1.57
C LEU A 266 5.57 -14.02 3.05
N GLN A 267 6.80 -14.40 3.39
CA GLN A 267 7.26 -14.35 4.77
C GLN A 267 8.37 -13.31 4.90
N ALA A 268 8.37 -12.61 6.03
CA ALA A 268 9.33 -11.53 6.24
C ALA A 268 9.84 -11.55 7.66
N LEU A 269 11.11 -11.13 7.78
CA LEU A 269 11.79 -10.89 9.04
C LEU A 269 12.32 -9.47 8.99
N THR A 270 12.07 -8.70 10.04
CA THR A 270 12.54 -7.32 10.06
C THR A 270 13.27 -7.02 11.36
N PHE A 271 14.29 -6.18 11.25
CA PHE A 271 15.04 -5.67 12.38
C PHE A 271 15.22 -4.17 12.21
N GLY A 272 15.00 -3.42 13.28
CA GLY A 272 15.30 -1.99 13.29
C GLY A 272 16.13 -1.67 14.50
N TYR A 273 17.08 -0.75 14.32
CA TYR A 273 18.06 -0.49 15.38
C TYR A 273 18.48 0.96 15.32
N THR A 274 18.48 1.62 16.46
CA THR A 274 18.83 3.03 16.56
C THR A 274 20.13 3.17 17.35
N THR A 275 21.10 3.85 16.77
CA THR A 275 22.35 4.20 17.44
C THR A 275 22.55 5.70 17.25
N GLY A 276 22.39 6.46 18.33
CA GLY A 276 22.54 7.90 18.24
C GLY A 276 21.56 8.47 17.23
N GLN A 277 22.10 9.17 16.24
CA GLN A 277 21.27 9.83 15.24
C GLN A 277 20.93 8.94 14.05
N PHE A 278 21.36 7.68 14.07
CA PHE A 278 21.19 6.75 12.95
C PHE A 278 20.09 5.74 13.26
N ASN A 279 19.19 5.51 12.31
CA ASN A 279 18.19 4.45 12.41
C ASN A 279 18.48 3.46 11.31
N TRP A 280 18.76 2.21 11.68
CA TRP A 280 19.15 1.16 10.76
C TRP A 280 18.01 0.18 10.56
N ARG A 281 17.88 -0.32 9.33
CA ARG A 281 16.89 -1.33 9.01
C ARG A 281 17.56 -2.46 8.24
N LEU A 282 17.25 -3.68 8.62
CA LEU A 282 17.71 -4.87 7.92
C LEU A 282 16.51 -5.79 7.84
N GLU A 283 16.06 -6.13 6.63
CA GLU A 283 14.81 -6.87 6.44
C GLU A 283 14.99 -7.87 5.30
N GLY A 284 14.19 -8.92 5.33
CA GLY A 284 14.24 -9.92 4.28
C GLY A 284 12.88 -10.54 4.05
N THR A 285 12.64 -10.94 2.80
CA THR A 285 11.39 -11.57 2.42
C THR A 285 11.69 -12.81 1.58
N MET A 286 10.75 -13.76 1.61
CA MET A 286 10.77 -14.90 0.71
C MET A 286 9.34 -15.15 0.27
N VAL A 287 9.17 -15.53 -1.00
CA VAL A 287 7.84 -15.72 -1.57
C VAL A 287 7.72 -17.10 -2.19
N LYS A 288 6.55 -17.71 -2.03
CA LYS A 288 6.12 -18.84 -2.85
C LYS A 288 4.83 -18.42 -3.53
N ALA A 289 4.76 -18.57 -4.84
CA ALA A 289 3.57 -18.14 -5.56
C ALA A 289 3.44 -18.95 -6.85
N GLU A 290 3.32 -20.27 -6.71
CA GLU A 290 3.03 -21.12 -7.85
C GLU A 290 1.62 -20.81 -8.37
N GLY A 291 1.39 -21.11 -9.64
CA GLY A 291 0.13 -20.83 -10.28
C GLY A 291 0.27 -19.83 -11.41
N ASN A 292 -0.89 -19.50 -12.00
CA ASN A 292 -0.88 -18.68 -13.21
C ASN A 292 -0.30 -17.29 -12.92
N GLN A 293 -0.58 -16.74 -11.75
CA GLN A 293 -0.19 -15.36 -11.47
C GLN A 293 1.32 -15.20 -11.40
N GLY A 294 1.97 -16.02 -10.60
CA GLY A 294 3.43 -16.03 -10.52
C GLY A 294 4.03 -15.06 -9.53
N PHE A 295 3.20 -14.37 -8.74
CA PHE A 295 3.69 -13.47 -7.71
C PHE A 295 2.66 -13.39 -6.60
N PHE A 296 3.10 -12.99 -5.41
CA PHE A 296 2.19 -12.92 -4.26
C PHE A 296 1.48 -11.58 -4.17
N LEU A 297 0.16 -11.62 -3.94
CA LEU A 297 -0.63 -10.41 -3.70
C LEU A 297 -1.19 -10.43 -2.28
N GLN A 298 -1.01 -9.32 -1.56
CA GLN A 298 -1.60 -9.13 -0.25
C GLN A 298 -3.10 -8.82 -0.34
N ARG A 299 -3.59 -8.46 -1.52
CA ARG A 299 -5.00 -8.16 -1.75
C ARG A 299 -5.72 -9.39 -2.27
N MET A 300 -7.02 -9.46 -2.01
CA MET A 300 -7.77 -10.68 -2.26
C MET A 300 -8.46 -10.69 -3.61
N THR A 301 -8.40 -9.61 -4.38
CA THR A 301 -8.84 -9.59 -5.76
C THR A 301 -7.66 -9.25 -6.66
N PRO A 302 -7.44 -10.00 -7.75
CA PRO A 302 -6.15 -9.90 -8.44
C PRO A 302 -6.02 -8.69 -9.35
N THR A 303 -7.11 -8.15 -9.86
CA THR A 303 -7.01 -7.07 -10.83
C THR A 303 -6.44 -5.82 -10.17
N TYR A 304 -5.57 -5.14 -10.91
CA TYR A 304 -5.03 -3.86 -10.46
C TYR A 304 -6.13 -2.95 -9.95
N ALA A 305 -5.88 -2.35 -8.80
CA ALA A 305 -6.71 -1.32 -8.17
C ALA A 305 -8.01 -1.85 -7.57
N SER A 306 -8.26 -3.16 -7.60
CA SER A 306 -9.60 -3.65 -7.34
C SER A 306 -9.90 -3.72 -5.85
N SER A 307 -8.89 -3.93 -5.02
CA SER A 307 -8.97 -3.84 -3.57
C SER A 307 -7.53 -3.77 -3.07
N ASN A 308 -7.36 -3.72 -1.76
CA ASN A 308 -6.03 -3.87 -1.19
C ASN A 308 -6.11 -4.68 0.09
N GLY A 309 -4.94 -5.12 0.55
CA GLY A 309 -4.82 -5.85 1.79
C GLY A 309 -3.59 -5.41 2.56
N ARG A 310 -3.55 -5.82 3.82
CA ARG A 310 -2.49 -5.40 4.72
C ARG A 310 -1.14 -5.97 4.28
N LEU A 311 -0.12 -5.10 4.24
CA LEU A 311 1.25 -5.54 3.99
C LEU A 311 2.15 -4.56 4.72
N ASP A 312 2.82 -5.02 5.78
CA ASP A 312 3.59 -4.13 6.62
C ASP A 312 5.00 -3.86 6.10
N VAL A 313 5.44 -4.59 5.08
CA VAL A 313 6.80 -4.45 4.57
C VAL A 313 6.77 -3.53 3.37
N TRP A 314 7.53 -2.44 3.46
CA TRP A 314 7.56 -1.43 2.40
C TRP A 314 8.99 -0.92 2.31
N TRP A 315 9.65 -1.16 1.17
CA TRP A 315 11.05 -0.78 1.01
C TRP A 315 11.26 0.44 0.12
N ASP A 316 10.22 0.91 -0.58
CA ASP A 316 10.31 2.09 -1.45
C ASP A 316 11.51 2.01 -2.39
N ASN A 317 11.67 0.83 -2.99
CA ASN A 317 12.70 0.56 -3.99
C ASN A 317 12.10 -0.02 -5.26
N ARG A 318 10.93 0.52 -5.60
CA ARG A 318 10.19 0.37 -6.86
C ARG A 318 9.61 -1.03 -7.08
N SER A 319 10.45 -2.05 -7.20
CA SER A 319 9.93 -3.40 -7.33
C SER A 319 9.24 -3.85 -6.03
N ASP A 320 8.27 -4.77 -6.17
CA ASP A 320 7.66 -5.40 -5.02
C ASP A 320 8.46 -6.58 -4.50
N PHE A 321 9.46 -7.04 -5.28
CA PHE A 321 10.30 -8.16 -4.88
C PHE A 321 9.45 -9.33 -4.38
N ASN A 322 8.40 -9.64 -5.14
CA ASN A 322 7.37 -10.59 -4.70
C ASN A 322 7.11 -11.69 -5.71
N ALA A 323 8.08 -12.01 -6.56
CA ALA A 323 7.89 -13.10 -7.50
C ALA A 323 7.94 -14.47 -6.83
N ASN A 324 7.26 -15.44 -7.45
CA ASN A 324 7.37 -16.85 -7.08
C ASN A 324 8.83 -17.24 -6.84
N GLY A 325 9.10 -17.80 -5.67
CA GLY A 325 10.43 -18.25 -5.31
C GLY A 325 11.40 -17.19 -4.87
N GLU A 326 11.06 -15.91 -5.03
CA GLU A 326 12.05 -14.86 -4.84
C GLU A 326 12.42 -14.64 -3.38
N LYS A 327 13.71 -14.39 -3.16
CA LYS A 327 14.27 -14.01 -1.87
CA LYS A 327 14.26 -14.00 -1.87
C LYS A 327 14.87 -12.62 -2.02
N ALA A 328 14.74 -11.79 -0.99
CA ALA A 328 15.22 -10.42 -1.08
C ALA A 328 15.69 -9.95 0.28
N VAL A 329 16.79 -9.20 0.29
CA VAL A 329 17.30 -8.59 1.53
C VAL A 329 17.40 -7.09 1.30
N TYR A 330 16.97 -6.33 2.30
CA TYR A 330 16.93 -4.87 2.29
C TYR A 330 17.78 -4.38 3.44
N ALA A 331 18.58 -3.35 3.18
CA ALA A 331 19.35 -2.66 4.21
C ALA A 331 19.16 -1.18 4.02
N GLY A 332 18.92 -0.45 5.11
CA GLY A 332 18.68 0.98 5.00
C GLY A 332 19.16 1.71 6.22
N VAL A 333 19.41 3.01 6.03
CA VAL A 333 19.81 3.91 7.10
C VAL A 333 19.14 5.26 6.88
N MET A 334 18.77 5.91 7.98
CA MET A 334 18.35 7.29 7.96
C MET A 334 19.09 8.01 9.07
N TYR A 335 19.53 9.24 8.79
CA TYR A 335 20.36 10.04 9.69
C TYR A 335 19.60 11.32 10.02
N ASP A 336 19.28 11.49 11.31
CA ASP A 336 18.63 12.68 11.84
C ASP A 336 19.66 13.78 12.00
N LEU A 337 19.44 14.93 11.36
CA LEU A 337 20.41 16.01 11.34
C LEU A 337 20.22 17.03 12.46
N SER A 338 19.50 16.65 13.52
CA SER A 338 19.23 17.59 14.60
C SER A 338 20.53 18.10 15.24
N ASN A 339 21.56 17.24 15.32
CA ASN A 339 22.82 17.67 15.92
C ASN A 339 23.63 18.59 15.02
N TRP A 340 23.25 18.74 13.75
CA TRP A 340 23.80 19.79 12.91
C TRP A 340 22.95 21.06 12.99
N ASN A 341 22.12 21.16 14.03
CA ASN A 341 21.09 22.19 14.16
C ASN A 341 20.24 22.29 12.89
N LEU A 342 19.86 21.13 12.37
CA LEU A 342 18.84 21.00 11.33
C LEU A 342 17.74 20.08 11.85
N PRO A 343 17.06 20.46 12.93
CA PRO A 343 16.03 19.60 13.49
C PRO A 343 14.89 19.43 12.49
N GLY A 344 14.36 18.21 12.42
CA GLY A 344 13.33 17.88 11.47
C GLY A 344 13.85 17.38 10.13
N MET A 345 15.14 17.55 9.86
N MET A 345 15.14 17.55 9.86
CA MET A 345 15.74 17.12 8.60
CA MET A 345 15.72 17.12 8.59
C MET A 345 16.38 15.76 8.78
C MET A 345 16.37 15.75 8.78
N ALA A 346 16.23 14.89 7.77
CA ALA A 346 16.83 13.57 7.80
C ALA A 346 17.23 13.19 6.38
N VAL A 347 18.32 12.45 6.26
CA VAL A 347 18.78 11.94 4.97
C VAL A 347 19.15 10.47 5.13
N GLY A 348 19.06 9.73 4.04
CA GLY A 348 19.41 8.33 4.14
C GLY A 348 19.46 7.65 2.79
N GLY A 349 19.61 6.33 2.84
CA GLY A 349 19.63 5.52 1.64
C GLY A 349 19.36 4.08 2.02
N SER A 350 19.17 3.27 0.98
CA SER A 350 18.81 1.87 1.17
C SER A 350 19.18 1.09 -0.08
N TYR A 351 19.19 -0.22 0.07
CA TYR A 351 19.66 -1.14 -0.95
C TYR A 351 18.84 -2.41 -0.84
N VAL A 352 18.45 -2.99 -1.96
CA VAL A 352 17.80 -4.29 -1.98
C VAL A 352 18.57 -5.19 -2.92
N TYR A 353 18.82 -6.43 -2.49
CA TYR A 353 19.35 -7.47 -3.36
C TYR A 353 18.40 -8.66 -3.35
N ALA A 354 17.94 -9.07 -4.53
CA ALA A 354 16.97 -10.15 -4.63
C ALA A 354 17.40 -11.14 -5.71
N TRP A 355 17.03 -12.41 -5.50
CA TRP A 355 17.45 -13.48 -6.38
C TRP A 355 16.45 -14.62 -6.32
N ASP A 356 16.59 -15.56 -7.26
CA ASP A 356 15.81 -16.80 -7.32
C ASP A 356 14.37 -16.58 -7.75
N ALA A 357 14.07 -15.46 -8.39
CA ALA A 357 12.71 -15.20 -8.84
C ALA A 357 12.39 -16.10 -10.03
N LYS A 358 11.20 -16.72 -9.98
CA LYS A 358 10.72 -17.63 -11.00
C LYS A 358 9.46 -17.08 -11.63
N PRO A 359 9.15 -17.50 -12.86
CA PRO A 359 7.95 -17.02 -13.53
C PRO A 359 6.72 -17.74 -12.98
N SER A 360 5.56 -17.26 -13.45
CA SER A 360 4.34 -18.05 -13.46
C SER A 360 4.64 -19.48 -13.87
N THR A 361 3.95 -20.41 -13.22
CA THR A 361 4.07 -21.82 -13.56
C THR A 361 3.21 -22.22 -14.75
N ASN A 362 2.48 -21.27 -15.34
CA ASN A 362 1.78 -21.54 -16.59
C ASN A 362 2.77 -22.10 -17.62
N PRO A 363 2.53 -23.30 -18.18
CA PRO A 363 3.57 -23.93 -19.02
C PRO A 363 3.90 -23.15 -20.29
N ILE A 364 3.14 -22.10 -20.64
CA ILE A 364 3.54 -21.30 -21.79
C ILE A 364 4.81 -20.51 -21.52
N TYR A 365 5.24 -20.40 -20.26
CA TYR A 365 6.44 -19.67 -19.88
C TYR A 365 7.57 -20.65 -19.61
N ASP A 366 8.78 -20.22 -19.94
CA ASP A 366 9.96 -21.04 -19.75
C ASP A 366 10.26 -21.18 -18.26
N GLN A 367 10.03 -22.37 -17.71
CA GLN A 367 10.16 -22.60 -16.28
C GLN A 367 11.59 -22.66 -15.79
N SER A 368 12.57 -22.69 -16.69
CA SER A 368 13.97 -22.67 -16.30
C SER A 368 14.46 -21.29 -15.86
N GLN A 369 13.69 -20.24 -16.10
CA GLN A 369 14.18 -18.90 -15.85
C GLN A 369 14.37 -18.65 -14.36
N ARG A 370 15.47 -17.99 -14.02
CA ARG A 370 15.71 -17.49 -12.69
C ARG A 370 16.20 -16.05 -12.82
N LEU A 371 15.57 -15.14 -12.09
CA LEU A 371 15.77 -13.71 -12.28
C LEU A 371 16.29 -13.09 -11.00
N LYS A 372 17.27 -12.21 -11.13
CA LYS A 372 17.73 -11.36 -10.04
C LYS A 372 17.33 -9.91 -10.33
N GLU A 373 17.02 -9.18 -9.27
CA GLU A 373 16.75 -7.75 -9.38
C GLU A 373 17.29 -7.07 -8.13
N SER A 374 17.71 -5.82 -8.28
CA SER A 374 18.30 -5.09 -7.18
C SER A 374 18.00 -3.60 -7.35
N ALA A 375 18.19 -2.86 -6.27
CA ALA A 375 17.88 -1.44 -6.30
C ALA A 375 18.64 -0.74 -5.18
N TRP A 376 18.82 0.56 -5.34
CA TRP A 376 19.22 1.41 -4.22
C TRP A 376 18.47 2.73 -4.31
N SER A 377 18.34 3.39 -3.16
CA SER A 377 17.63 4.65 -3.11
C SER A 377 18.33 5.60 -2.16
N LEU A 378 18.06 6.89 -2.37
CA LEU A 378 18.46 7.98 -1.49
C LEU A 378 17.24 8.79 -1.10
N ASP A 379 17.29 9.39 0.10
CA ASP A 379 16.16 10.06 0.71
C ASP A 379 16.61 11.34 1.38
N ALA A 380 15.86 12.43 1.19
CA ALA A 380 16.05 13.66 1.94
C ALA A 380 14.66 14.13 2.34
N MET A 381 14.45 14.42 3.62
CA MET A 381 13.12 14.79 4.06
C MET A 381 13.22 15.79 5.20
N TYR A 382 12.25 16.69 5.21
CA TYR A 382 12.14 17.70 6.25
C TYR A 382 10.70 17.67 6.75
N THR A 383 10.55 17.67 8.06
CA THR A 383 9.27 17.91 8.71
C THR A 383 9.36 19.27 9.40
N ILE A 384 8.57 20.24 8.91
CA ILE A 384 8.60 21.56 9.53
C ILE A 384 8.25 21.42 10.99
N GLN A 385 8.94 22.18 11.84
CA GLN A 385 8.84 21.99 13.27
C GLN A 385 8.16 23.14 14.01
N GLU A 386 7.95 24.30 13.38
CA GLU A 386 7.26 25.40 14.03
C GLU A 386 6.37 26.14 13.05
N GLY A 387 5.44 26.92 13.60
CA GLY A 387 4.57 27.76 12.80
C GLY A 387 3.26 27.09 12.44
N ARG A 388 2.48 27.82 11.63
CA ARG A 388 1.21 27.27 11.14
C ARG A 388 1.41 25.98 10.37
N ALA A 389 2.59 25.78 9.78
CA ALA A 389 2.87 24.62 8.94
C ALA A 389 3.54 23.49 9.70
N LYS A 390 3.39 23.44 11.03
CA LYS A 390 3.95 22.36 11.83
C LYS A 390 3.36 21.02 11.41
N GLY A 391 4.24 20.06 11.09
CA GLY A 391 3.83 18.76 10.61
C GLY A 391 3.89 18.57 9.11
N THR A 392 4.15 19.62 8.36
CA THR A 392 4.31 19.51 6.92
C THR A 392 5.54 18.67 6.58
N LEU A 393 5.36 17.73 5.64
CA LEU A 393 6.42 16.86 5.14
C LEU A 393 6.86 17.34 3.77
N ILE A 394 8.17 17.48 3.59
CA ILE A 394 8.78 17.78 2.30
C ILE A 394 9.81 16.70 2.05
N LYS A 395 9.69 15.99 0.93
CA LYS A 395 10.48 14.77 0.78
C LYS A 395 10.91 14.57 -0.67
N LEU A 396 12.16 14.17 -0.84
CA LEU A 396 12.74 13.81 -2.13
C LEU A 396 13.24 12.38 -2.01
N HIS A 397 12.77 11.52 -2.90
CA HIS A 397 13.15 10.12 -2.93
C HIS A 397 13.64 9.76 -4.33
N TYR A 398 14.77 9.06 -4.38
CA TYR A 398 15.46 8.74 -5.63
C TYR A 398 15.81 7.27 -5.63
N THR A 399 15.46 6.56 -6.71
CA THR A 399 15.72 5.13 -6.82
C THR A 399 16.37 4.82 -8.16
N GLN A 400 17.42 4.01 -8.13
CA GLN A 400 17.90 3.30 -9.31
C GLN A 400 17.52 1.83 -9.14
N TYR A 401 16.75 1.30 -10.09
CA TYR A 401 16.29 -0.08 -10.06
C TYR A 401 16.90 -0.84 -11.24
N ASP A 402 17.41 -2.05 -10.96
CA ASP A 402 18.08 -2.87 -11.97
C ASP A 402 17.45 -4.26 -12.03
N ASN A 403 16.80 -4.55 -13.15
CA ASN A 403 16.32 -5.88 -13.53
C ASN A 403 17.48 -6.57 -14.23
N HIS A 404 17.96 -7.69 -13.70
CA HIS A 404 19.17 -8.30 -14.25
C HIS A 404 18.89 -9.29 -15.35
N THR A 405 17.92 -8.98 -16.20
CA THR A 405 17.58 -9.76 -17.38
C THR A 405 17.30 -8.79 -18.52
N ASN A 406 17.03 -9.34 -19.70
CA ASN A 406 16.58 -8.54 -20.85
C ASN A 406 15.08 -8.73 -21.11
N ILE A 407 14.35 -9.25 -20.15
CA ILE A 407 12.93 -9.54 -20.36
C ILE A 407 12.17 -8.23 -20.47
N PRO A 408 11.38 -8.03 -21.53
CA PRO A 408 10.56 -6.82 -21.62
C PRO A 408 9.63 -6.72 -20.43
N SER A 409 9.32 -5.49 -20.05
CA SER A 409 8.53 -5.25 -18.85
C SER A 409 7.25 -6.07 -18.90
N TRP A 410 6.97 -6.73 -17.78
CA TRP A 410 5.79 -7.56 -17.56
C TRP A 410 5.79 -8.85 -18.38
N GLY A 411 6.86 -9.13 -19.12
CA GLY A 411 6.92 -10.29 -19.97
C GLY A 411 7.60 -11.51 -19.33
N GLY A 412 7.70 -12.57 -20.15
CA GLY A 412 8.44 -13.77 -19.83
C GLY A 412 7.86 -14.64 -18.74
N GLY A 413 6.63 -14.37 -18.31
CA GLY A 413 6.09 -15.06 -17.17
C GLY A 413 6.30 -14.34 -15.86
N TYR A 414 6.94 -13.19 -15.87
CA TYR A 414 7.14 -12.36 -14.67
C TYR A 414 6.17 -11.17 -14.78
N GLY A 415 4.89 -11.42 -14.48
CA GLY A 415 3.84 -10.45 -14.74
C GLY A 415 3.83 -9.24 -13.83
N ASN A 416 4.63 -9.24 -12.76
CA ASN A 416 4.72 -8.08 -11.89
C ASN A 416 6.10 -7.43 -11.90
N ILE A 417 6.98 -7.80 -12.83
CA ILE A 417 8.33 -7.25 -12.89
C ILE A 417 8.49 -6.42 -14.15
N PHE A 418 9.13 -5.28 -14.00
CA PHE A 418 9.38 -4.32 -15.06
C PHE A 418 10.88 -4.11 -15.21
N GLN A 419 11.26 -3.36 -16.23
CA GLN A 419 12.67 -3.20 -16.58
C GLN A 419 13.31 -2.06 -15.77
N ASP A 420 14.64 -1.90 -16.00
CA ASP A 420 15.46 -0.96 -15.24
C ASP A 420 14.82 0.42 -15.21
N GLU A 421 15.01 1.13 -14.09
CA GLU A 421 14.41 2.44 -13.92
C GLU A 421 15.33 3.39 -13.17
N LYS A 422 15.14 4.68 -13.44
CA LYS A 422 15.50 5.74 -12.51
C LYS A 422 14.21 6.45 -12.12
N ASP A 423 13.99 6.64 -10.83
CA ASP A 423 12.74 7.21 -10.31
C ASP A 423 13.08 8.36 -9.38
N VAL A 424 12.43 9.50 -9.58
CA VAL A 424 12.62 10.68 -8.74
C VAL A 424 11.23 11.16 -8.33
N LYS A 425 10.95 11.14 -7.03
CA LYS A 425 9.69 11.61 -6.49
C LYS A 425 9.95 12.78 -5.56
N PHE A 426 9.28 13.90 -5.81
CA PHE A 426 9.27 15.03 -4.91
C PHE A 426 7.86 15.25 -4.41
N MET A 427 7.69 15.47 -3.11
CA MET A 427 6.36 15.62 -2.57
C MET A 427 6.36 16.60 -1.41
N VAL A 428 5.23 17.29 -1.30
CA VAL A 428 4.88 18.13 -0.15
C VAL A 428 3.54 17.64 0.37
N ILE A 429 3.46 17.41 1.69
CA ILE A 429 2.21 17.07 2.37
C ILE A 429 2.05 18.08 3.50
N ALA A 430 1.05 18.96 3.39
CA ALA A 430 0.86 20.09 4.31
C ALA A 430 -0.53 20.03 4.91
N PRO A 431 -0.68 19.43 6.09
CA PRO A 431 -2.00 19.43 6.74
C PRO A 431 -2.32 20.76 7.40
N PHE A 432 -3.61 21.03 7.53
CA PHE A 432 -4.05 22.27 8.15
C PHE A 432 -5.36 22.00 8.90
N THR A 433 -5.60 22.82 9.92
CA THR A 433 -6.76 22.70 10.77
C THR A 433 -7.61 23.95 10.59
N ILE A 434 -8.89 23.78 10.30
CA ILE A 434 -9.80 24.91 10.27
C ILE A 434 -10.44 25.12 11.64
N PHE A 435 -11.00 24.07 12.25
CA PHE A 435 -11.36 24.13 13.67
C PHE A 435 -11.21 22.73 14.28
O1 MES B . 5.28 -2.26 -9.60
C2 MES B . 4.44 -3.40 -9.82
C3 MES B . 3.11 -3.22 -9.08
N4 MES B . 3.32 -2.79 -7.69
C5 MES B . 4.21 -1.66 -7.52
C6 MES B . 5.54 -2.02 -8.21
C7 MES B . 2.02 -2.66 -6.98
C8 MES B . 2.25 -2.58 -5.48
S MES B . 0.83 -2.72 -4.59
O1S MES B . 0.16 -4.02 -4.81
O2S MES B . -0.15 -1.67 -4.91
O3S MES B . 1.21 -2.60 -3.16
H21 MES B . 4.94 -4.30 -9.45
H22 MES B . 4.26 -3.53 -10.89
H31 MES B . 2.50 -2.48 -9.61
H32 MES B . 2.56 -4.17 -9.09
HN4 MES B . 3.84 -3.52 -7.23
H51 MES B . 3.78 -0.76 -7.96
H52 MES B . 4.39 -1.46 -6.46
H61 MES B . 6.26 -1.22 -8.11
H62 MES B . 5.96 -2.93 -7.76
H71 MES B . 1.40 -3.53 -7.21
H72 MES B . 1.50 -1.77 -7.33
H81 MES B . 2.73 -1.63 -5.24
H82 MES B . 2.93 -3.39 -5.18
CA CA C . 19.31 -4.44 -16.12
CA CA D . -5.86 -22.29 -8.17
CA CA E . -5.78 13.69 -19.46
C1 C8E F . -22.88 18.70 9.81
C2 C8E F . -22.59 19.49 11.08
C3 C8E F . -21.54 20.58 10.88
C4 C8E F . -21.43 21.45 12.13
C5 C8E F . -20.24 22.41 12.09
C6 C8E F . -20.16 23.24 13.37
C7 C8E F . -18.71 23.46 13.79
C8 C8E F . -18.58 24.07 15.19
O9 C8E F . -17.42 23.59 15.84
C10 C8E F . -16.82 24.55 16.67
C11 C8E F . -15.43 24.11 17.13
O12 C8E F . -15.50 22.86 17.80
H11 C8E F . -22.26 19.08 9.00
H12 C8E F . -23.93 18.81 9.54
H13 C8E F . -22.65 17.65 9.97
H21 C8E F . -22.26 18.80 11.85
H22 C8E F . -23.52 19.95 11.42
H31 C8E F . -21.80 21.20 10.03
H32 C8E F . -20.57 20.11 10.67
H41 C8E F . -21.32 20.80 13.01
H42 C8E F . -22.35 22.01 12.25
H51 C8E F . -20.36 23.07 11.23
H52 C8E F . -19.32 21.84 11.96
H61 C8E F . -20.69 22.72 14.17
H62 C8E F . -20.64 24.21 13.21
H71 C8E F . -18.23 24.13 13.07
H72 C8E F . -18.17 22.51 13.76
H81 C8E F . -19.46 23.81 15.77
H82 C8E F . -18.53 25.16 15.11
H101 C8E F . -17.45 24.73 17.55
H102 C8E F . -16.74 25.50 16.14
H111 C8E F . -15.01 24.86 17.80
H112 C8E F . -14.77 24.02 16.26
C2 C8E G . -19.30 13.54 -6.32
C3 C8E G . -18.58 14.73 -5.70
C4 C8E G . -18.47 14.58 -4.19
C5 C8E G . -18.21 15.90 -3.48
C6 C8E G . -19.08 15.98 -2.22
C7 C8E G . -18.62 17.10 -1.29
H22 C8E G . -18.87 12.62 -5.92
H22 C8E G . -20.35 13.57 -6.05
H31 C8E G . -17.58 14.82 -6.13
H32 C8E G . -19.12 15.65 -5.95
H41 C8E G . -17.66 13.89 -3.97
H42 C8E G . -19.40 14.14 -3.81
H51 C8E G . -18.45 16.73 -4.15
H52 C8E G . -17.16 15.97 -3.21
H61 C8E G . -19.04 15.03 -1.69
H62 C8E G . -20.12 16.16 -2.52
H72 C8E G . -18.63 18.04 -1.83
H72 C8E G . -17.59 16.90 -0.97
C2 C8E H . -25.19 -8.50 2.79
C3 C8E H . -25.13 -8.45 4.32
C4 C8E H . -24.40 -7.22 4.86
C5 C8E H . -23.41 -7.61 5.97
C6 C8E H . -22.99 -6.42 6.83
C7 C8E H . -21.90 -6.78 7.83
C8 C8E H . -21.62 -5.66 8.84
O9 C8E H . -20.58 -5.99 9.75
C10 C8E H . -19.87 -4.89 10.30
H22 C8E H . -25.26 -7.49 2.40
H22 C8E H . -24.29 -8.96 2.39
H31 C8E H . -26.14 -8.47 4.72
H32 C8E H . -24.61 -9.34 4.67
H41 C8E H . -25.14 -6.52 5.26
H42 C8E H . -23.87 -6.72 4.05
H51 C8E H . -22.53 -8.06 5.51
H52 C8E H . -23.88 -8.37 6.60
H61 C8E H . -23.86 -6.05 7.36
H62 C8E H . -22.64 -5.62 6.18
H71 C8E H . -20.98 -7.01 7.30
H72 C8E H . -22.20 -7.68 8.38
H81 C8E H . -22.54 -5.44 9.40
H82 C8E H . -21.35 -4.75 8.30
H101 C8E H . -20.56 -4.07 10.50
H102 C8E H . -19.13 -4.54 9.59
C3 C8E I . -19.28 -14.42 8.69
C4 C8E I . -19.48 -13.44 9.84
C5 C8E I . -18.49 -13.70 10.98
C6 C8E I . -18.33 -12.45 11.85
C7 C8E I . -17.55 -12.75 13.13
H32 C8E I . -18.80 -15.33 9.06
H32 C8E I . -20.24 -14.70 8.27
H41 C8E I . -20.51 -13.55 10.22
H42 C8E I . -19.37 -12.43 9.47
H51 C8E I . -17.53 -13.98 10.57
H52 C8E I . -18.85 -14.53 11.60
H61 C8E I . -19.32 -12.07 12.11
H62 C8E I . -17.81 -11.68 11.29
H72 C8E I . -17.51 -11.85 13.74
H72 C8E I . -18.07 -13.52 13.71
C3 C8E J . -22.65 -14.42 3.43
C4 C8E J . -22.22 -13.03 3.89
C5 C8E J . -21.19 -13.10 5.02
C6 C8E J . -21.76 -12.52 6.32
C7 C8E J . -21.94 -11.00 6.23
H32 C8E J . -21.78 -14.95 3.00
H32 C8E J . -23.00 -15.01 4.28
H41 C8E J . -23.10 -12.49 4.24
H42 C8E J . -21.79 -12.49 3.05
H51 C8E J . -20.30 -12.53 4.73
H52 C8E J . -20.90 -14.13 5.19
H61 C8E J . -21.09 -12.76 7.14
H62 C8E J . -22.73 -12.98 6.52
H72 C8E J . -21.66 -10.67 5.22
H72 C8E J . -21.26 -10.52 6.93
C4 C8E K . -7.94 -13.98 23.41
C5 C8E K . -8.49 -14.00 24.83
C6 C8E K . -7.45 -13.46 25.80
C7 C8E K . -8.00 -13.22 27.21
C8 C8E K . -6.82 -13.17 28.20
O9 C8E K . -7.15 -12.48 29.39
C10 C8E K . -7.06 -13.31 30.54
C11 C8E K . -7.34 -12.42 31.75
H42 C8E K . -8.45 -14.74 22.81
H42 C8E K . -6.88 -14.23 23.43
H51 C8E K . -8.76 -15.02 25.12
H52 C8E K . -9.40 -13.40 24.88
H61 C8E K . -7.07 -12.52 25.41
H62 C8E K . -6.63 -14.16 25.85
H71 C8E K . -8.68 -14.02 27.48
H72 C8E K . -8.55 -12.28 27.25
H81 C8E K . -5.98 -12.68 27.71
H82 C8E K . -6.53 -14.19 28.44
H101 C8E K . -6.07 -13.75 30.61
H102 C8E K . -7.78 -14.12 30.47
H111 C8E K . -6.54 -11.69 31.85
H112 C8E K . -8.27 -11.89 31.58
C1 C8E L . -3.45 -14.20 22.75
C2 C8E L . -2.95 -14.65 24.11
C3 C8E L . -3.67 -13.95 25.25
C4 C8E L . -3.54 -14.72 26.57
C5 C8E L . -3.21 -13.79 27.74
H11 C8E L . -4.24 -13.46 22.88
H12 C8E L . -2.63 -13.76 22.18
H13 C8E L . -3.84 -15.06 22.20
H21 C8E L . -1.88 -14.45 24.19
H22 C8E L . -3.09 -15.72 24.21
H31 C8E L . -4.73 -13.84 25.01
H32 C8E L . -3.26 -12.95 25.38
H41 C8E L . -2.76 -15.46 26.47
H42 C8E L . -4.48 -15.23 26.78
H52 C8E L . -3.57 -14.23 28.67
H52 C8E L . -3.68 -12.83 27.60
C1 C8E M . 23.09 -16.41 -4.40
C2 C8E M . 22.94 -15.04 -3.74
C3 C8E M . 22.96 -15.14 -2.22
C4 C8E M . 23.25 -13.78 -1.58
C5 C8E M . 22.69 -13.67 -0.16
C6 C8E M . 22.93 -12.27 0.41
H11 C8E M . 23.10 -17.18 -3.63
H12 C8E M . 24.04 -16.45 -4.95
H13 C8E M . 22.26 -16.58 -5.08
H21 C8E M . 22.00 -14.60 -4.06
H22 C8E M . 23.75 -14.39 -4.06
H31 C8E M . 21.99 -15.50 -1.88
H32 C8E M . 23.72 -15.86 -1.92
H41 C8E M . 22.81 -12.99 -2.20
H42 C8E M . 24.33 -13.63 -1.55
H51 C8E M . 23.17 -14.42 0.47
H52 C8E M . 21.61 -13.88 -0.18
H62 C8E M . 23.67 -11.77 -0.21
H62 C8E M . 22.01 -11.70 0.36
C2 C8E N . -2.41 25.24 -8.83
C3 C8E N . -2.47 24.50 -10.17
C4 C8E N . -3.15 25.33 -11.25
C5 C8E N . -3.46 24.46 -12.45
C6 C8E N . -4.55 25.10 -13.32
C7 C8E N . -4.56 24.43 -14.69
C8 C8E N . -5.73 24.91 -15.54
O9 C8E N . -5.38 24.90 -16.92
C10 C8E N . -5.16 23.62 -17.46
H22 C8E N . -3.42 25.48 -8.51
H22 C8E N . -1.87 26.17 -8.97
H31 C8E N . -1.46 24.26 -10.49
H32 C8E N . -3.02 23.57 -10.04
H41 C8E N . -2.51 26.16 -11.54
H42 C8E N . -4.09 25.76 -10.85
H51 C8E N . -3.81 23.48 -12.12
H52 C8E N . -2.56 24.32 -13.04
H61 C8E N . -4.34 26.17 -13.43
H62 C8E N . -5.52 24.98 -12.85
H71 C8E N . -4.62 23.36 -14.57
H72 C8E N . -3.63 24.66 -15.21
H81 C8E N . -6.02 25.92 -15.24
H82 C8E N . -6.58 24.26 -15.38
H101 C8E N . -5.95 22.94 -17.13
H102 C8E N . -4.21 23.22 -17.11
C11 C8E O . 21.57 0.96 -10.90
O12 C8E O . 21.37 -0.31 -10.32
C13 C8E O . 20.43 -0.37 -9.27
C14 C8E O . 21.12 -1.04 -8.08
O15 C8E O . 21.51 -2.38 -8.36
C16 C8E O . 22.35 -2.82 -7.32
H112 C8E O . 20.65 1.29 -11.38
H112 C8E O . 22.33 0.88 -11.69
H131 C8E O . 20.09 0.63 -9.00
H132 C8E O . 19.55 -0.95 -9.57
H141 C8E O . 22.01 -0.46 -7.82
H142 C8E O . 20.45 -1.04 -7.23
H161 C8E O . 23.39 -2.77 -7.65
H162 C8E O . 22.25 -2.15 -6.47
C1 C8E P . 11.22 -20.69 4.81
C2 C8E P . 10.76 -20.85 6.26
C3 C8E P . 9.62 -21.87 6.42
C4 C8E P . 8.58 -21.85 5.31
C5 C8E P . 7.17 -21.80 5.88
C6 C8E P . 6.20 -22.77 5.18
C7 C8E P . 4.76 -22.36 5.44
C8 C8E P . 3.82 -23.45 4.95
O9 C8E P . 2.86 -23.74 5.95
H11 C8E P . 10.54 -20.01 4.29
H12 C8E P . 11.20 -21.66 4.31
H13 C8E P . 12.22 -20.28 4.79
H21 C8E P . 11.60 -21.18 6.86
H22 C8E P . 10.42 -19.89 6.64
H31 C8E P . 10.04 -22.88 6.48
H32 C8E P . 9.10 -21.67 7.37
H41 C8E P . 8.76 -20.98 4.67
H42 C8E P . 8.70 -22.74 4.69
H51 C8E P . 7.20 -22.04 6.94
H52 C8E P . 6.78 -20.78 5.76
H61 C8E P . 6.40 -22.77 4.11
H62 C8E P . 6.37 -23.78 5.55
H71 C8E P . 4.62 -22.20 6.52
H72 C8E P . 4.55 -21.43 4.94
H81 C8E P . 3.31 -23.11 4.04
H82 C8E P . 4.38 -24.34 4.70
C1 C8E Q . 19.12 -3.22 11.69
C2 C8E Q . 19.94 -4.26 12.43
C3 C8E Q . 21.42 -4.18 12.07
C4 C8E Q . 21.95 -2.75 12.16
C5 C8E Q . 23.34 -2.71 12.77
C6 C8E Q . 24.17 -1.55 12.21
C7 C8E Q . 25.04 -0.97 13.32
C8 C8E Q . 26.25 -0.22 12.76
O9 C8E Q . 26.87 0.49 13.81
H11 C8E Q . 19.71 -2.82 10.86
H12 C8E Q . 18.87 -2.41 12.38
H13 C8E Q . 18.21 -3.67 11.31
H21 C8E Q . 19.81 -4.13 13.50
H22 C8E Q . 19.56 -5.26 12.17
H31 C8E Q . 21.99 -4.82 12.75
H32 C8E Q . 21.57 -4.56 11.06
H41 C8E Q . 21.98 -2.31 11.16
H42 C8E Q . 21.27 -2.15 12.76
H51 C8E Q . 23.26 -2.59 13.86
H52 C8E Q . 23.87 -3.64 12.57
H61 C8E Q . 24.80 -1.89 11.39
H62 C8E Q . 23.51 -0.77 11.82
H71 C8E Q . 24.45 -0.29 13.93
H72 C8E Q . 25.38 -1.78 13.96
H81 C8E Q . 26.96 -0.93 12.33
H82 C8E Q . 25.93 0.45 11.97
C1 C8E R . -3.37 -24.63 3.28
C2 C8E R . -4.40 -23.81 4.03
C3 C8E R . -3.94 -23.43 5.44
C4 C8E R . -3.27 -22.06 5.49
C5 C8E R . -3.14 -21.58 6.93
C6 C8E R . -1.88 -20.73 7.13
C7 C8E R . -2.10 -19.68 8.21
C8 C8E R . -1.55 -20.11 9.57
H11 C8E R . -2.44 -24.67 3.87
H12 C8E R . -3.16 -24.17 2.31
H13 C8E R . -3.74 -25.64 3.14
H21 C8E R . -5.33 -24.37 4.10
H22 C8E R . -4.60 -22.90 3.46
H31 C8E R . -4.80 -23.42 6.11
H32 C8E R . -3.23 -24.18 5.79
H41 C8E R . -2.29 -22.12 5.03
H42 C8E R . -3.87 -21.34 4.92
H51 C8E R . -4.02 -20.98 7.19
H52 C8E R . -3.10 -22.43 7.60
H61 C8E R . -1.05 -21.37 7.40
H62 C8E R . -1.64 -20.23 6.18
H71 C8E R . -1.60 -18.76 7.90
H72 C8E R . -3.16 -19.47 8.31
H82 C8E R . -0.47 -20.08 9.55
H82 C8E R . -1.89 -19.41 10.32
C1 C8E S . -11.76 -24.27 -0.86
C2 C8E S . -11.27 -23.66 0.46
C3 C8E S . -12.20 -23.93 1.64
C4 C8E S . -12.62 -22.64 2.34
C5 C8E S . -12.66 -22.78 3.88
C6 C8E S . -11.97 -21.61 4.59
C7 C8E S . -11.10 -22.08 5.74
H11 C8E S . -12.70 -24.81 -0.68
H12 C8E S . -11.94 -23.48 -1.59
H13 C8E S . -11.02 -24.96 -1.24
H21 C8E S . -10.29 -24.06 0.68
H22 C8E S . -11.18 -22.58 0.33
H31 C8E S . -13.09 -24.46 1.28
H32 C8E S . -11.70 -24.58 2.36
H41 C8E S . -11.92 -21.85 2.08
H42 C8E S . -13.61 -22.35 2.00
H51 C8E S . -13.70 -22.84 4.21
H52 C8E S . -12.16 -23.70 4.16
H61 C8E S . -11.36 -21.06 3.87
H62 C8E S . -12.74 -20.93 4.96
H72 C8E S . -11.58 -22.92 6.25
H72 C8E S . -10.14 -22.43 5.36
C1 C8E T . -10.12 -19.69 9.68
C2 C8E T . -11.35 -18.89 10.12
C3 C8E T . -11.15 -18.12 11.42
C4 C8E T . -9.99 -17.13 11.31
C5 C8E T . -9.91 -16.14 12.46
C6 C8E T . -8.49 -15.59 12.61
C7 C8E T . -8.37 -14.35 13.49
H11 C8E T . -9.40 -19.71 10.51
H12 C8E T . -9.67 -19.20 8.82
H13 C8E T . -10.41 -20.70 9.41
H21 C8E T . -12.19 -19.59 10.25
H22 C8E T . -11.62 -18.19 9.33
H31 C8E T . -12.06 -17.58 11.67
H32 C8E T . -10.94 -18.83 12.23
H41 C8E T . -9.05 -17.69 11.26
H42 C8E T . -10.10 -16.58 10.38
H51 C8E T . -10.60 -15.30 12.28
H52 C8E T . -10.21 -16.62 13.40
H61 C8E T . -8.10 -15.35 11.61
H62 C8E T . -7.86 -16.38 13.03
H72 C8E T . -9.14 -13.63 13.21
H72 C8E T . -8.53 -14.62 14.53
C1 C8E U . 17.59 12.35 -2.85
C2 C8E U . 18.47 13.15 -1.90
C3 C8E U . 19.71 12.35 -1.49
C4 C8E U . 20.72 13.17 -0.68
C5 C8E U . 20.95 12.59 0.71
C6 C8E U . 22.06 11.54 0.70
H11 C8E U . 18.06 11.39 -3.07
H12 C8E U . 17.47 12.92 -3.77
H13 C8E U . 16.62 12.18 -2.39
H21 C8E U . 18.78 14.07 -2.37
H22 C8E U . 17.90 13.40 -0.99
H31 C8E U . 19.40 11.49 -0.90
H32 C8E U . 20.20 11.99 -2.39
H41 C8E U . 21.67 13.21 -1.22
H42 C8E U . 20.35 14.19 -0.58
H51 C8E U . 21.22 13.39 1.39
H52 C8E U . 20.03 12.13 1.07
H62 C8E U . 21.79 10.74 1.38
H62 C8E U . 22.14 11.13 -0.31
C1 C8E V . -29.03 6.66 16.62
C2 C8E V . -28.71 6.39 18.08
C3 C8E V . -29.72 7.04 19.02
C4 C8E V . -29.24 6.99 20.46
C5 C8E V . -30.05 7.92 21.36
C6 C8E V . -29.68 7.68 22.82
C7 C8E V . -30.48 8.62 23.71
C8 C8E V . -29.85 8.73 25.09
O9 C8E V . -30.14 10.00 25.64
H11 C8E V . -29.95 7.25 16.55
H12 C8E V . -29.17 5.71 16.10
H13 C8E V . -28.20 7.20 16.15
H21 C8E V . -28.69 5.32 18.26
H22 C8E V . -27.72 6.79 18.31
H31 C8E V . -29.89 8.08 18.72
H32 C8E V . -30.67 6.52 18.93
H41 C8E V . -29.31 5.97 20.84
H42 C8E V . -28.19 7.28 20.49
H51 C8E V . -29.83 8.96 21.10
H52 C8E V . -31.11 7.74 21.21
H61 C8E V . -29.91 6.65 23.08
H62 C8E V . -28.62 7.84 22.96
H71 C8E V . -30.52 9.60 23.25
H72 C8E V . -31.51 8.25 23.81
H81 C8E V . -30.25 7.95 25.75
H82 C8E V . -28.78 8.59 25.02
C1 C8E W . -0.81 -15.50 16.64
C2 C8E W . 0.32 -14.67 16.06
C3 C8E W . 1.46 -15.58 15.60
C4 C8E W . 2.55 -14.81 14.88
C5 C8E W . 3.85 -15.61 14.92
C6 C8E W . 4.14 -16.22 13.56
C7 C8E W . 3.43 -17.55 13.40
C8 C8E W . 2.88 -17.71 11.99
O9 C8E W . 3.10 -19.03 11.54
C10 C8E W . 2.79 -19.22 10.18
C11 C8E W . 3.62 -20.39 9.62
O12 C8E W . 5.01 -20.08 9.67
C13 C8E W . 5.81 -21.05 9.02
C14 C8E W . 7.01 -21.42 9.88
O15 C8E W . 8.07 -20.51 9.66
C16 C8E W . 8.98 -20.43 10.75
C17 C8E W . 8.38 -19.61 11.89
O18 C8E W . 8.97 -18.32 11.94
C19 C8E W . 9.09 -17.82 13.26
C20 C8E W . 7.76 -17.85 13.99
O21 C8E W . 7.78 -16.93 15.06
H11 C8E W . -0.56 -16.55 16.60
H12 C8E W . -1.73 -15.33 16.06
H13 C8E W . -0.99 -15.21 17.68
H21 C8E W . -0.04 -14.09 15.22
H22 C8E W . 0.69 -13.98 16.82
H31 C8E W . 1.88 -16.09 16.48
H32 C8E W . 1.06 -16.35 14.94
H41 C8E W . 2.26 -14.63 13.85
H42 C8E W . 2.70 -13.84 15.37
H51 C8E W . 4.67 -14.94 15.21
H52 C8E W . 3.78 -16.39 15.67
H61 C8E W . 3.82 -15.53 12.78
H62 C8E W . 5.22 -16.36 13.44
H71 C8E W . 4.12 -18.37 13.63
H72 C8E W . 2.61 -17.61 14.12
H81 C8E W . 1.81 -17.49 11.98
H82 C8E W . 3.37 -17.00 11.33
H101 C8E W . 1.73 -19.44 10.07
H102 C8E W . 3.01 -18.31 9.62
H111 C8E W . 3.43 -21.29 10.20
H112 C8E W . 3.32 -20.58 8.59
H131 C8E W . 5.22 -21.94 8.82
H132 C8E W . 6.16 -20.65 8.06
H141 C8E W . 6.73 -21.41 10.94
H142 C8E W . 7.35 -22.43 9.65
H161 C8E W . 9.20 -21.43 11.10
H162 C8E W . 9.91 -19.97 10.42
H171 C8E W . 7.30 -19.51 11.75
H172 C8E W . 8.55 -20.12 12.83
H191 C8E W . 9.47 -16.80 13.22
H192 C8E W . 9.82 -18.42 13.79
H201 C8E W . 7.57 -18.85 14.38
H202 C8E W . 6.95 -17.60 13.31
HO2 C8E W . 8.44 -17.21 15.73
C1 C8E X . -13.89 -13.33 7.64
C2 C8E X . -14.40 -14.69 8.08
C3 C8E X . -14.67 -14.77 9.58
C4 C8E X . -14.89 -16.23 10.03
C5 C8E X . -15.72 -17.05 9.06
C6 C8E X . -14.84 -17.84 8.09
C7 C8E X . -15.55 -19.03 7.45
C8 C8E X . -14.64 -20.26 7.51
O9 C8E X . -15.19 -21.30 6.73
C10 C8E X . -14.28 -22.36 6.59
H11 C8E X . -13.59 -12.75 8.52
H12 C8E X . -14.67 -12.81 7.10
H13 C8E X . -13.02 -13.47 6.99
H21 C8E X . -15.32 -14.91 7.54
H22 C8E X . -13.66 -15.46 7.81
H31 C8E X . -13.82 -14.36 10.11
H32 C8E X . -15.55 -14.19 9.82
H41 C8E X . -13.92 -16.70 10.17
H42 C8E X . -15.39 -16.21 11.00
H51 C8E X . -16.34 -17.76 9.63
H52 C8E X . -16.38 -16.40 8.50
H61 C8E X . -14.50 -17.17 7.30
H62 C8E X . -13.96 -18.20 8.62
H71 C8E X . -16.48 -19.24 7.97
H72 C8E X . -15.79 -18.80 6.41
H81 C8E X . -13.66 -20.00 7.13
H82 C8E X . -14.53 -20.58 8.54
H102 C8E X . -13.49 -22.28 7.35
H102 C8E X . -14.78 -23.31 6.73
C1 C8E Y . -22.14 -4.34 -4.80
C2 C8E Y . -21.31 -5.09 -5.83
C3 C8E Y . -21.73 -6.54 -5.91
C4 C8E Y . -21.60 -7.09 -7.33
C5 C8E Y . -21.38 -8.58 -7.28
C6 C8E Y . -22.61 -9.26 -6.71
H11 C8E Y . -22.26 -4.96 -3.91
H12 C8E Y . -23.13 -4.12 -5.22
H13 C8E Y . -21.65 -3.41 -4.53
H21 C8E Y . -21.42 -4.61 -6.80
H22 C8E Y . -20.25 -5.03 -5.55
H31 C8E Y . -21.11 -7.13 -5.24
H32 C8E Y . -22.77 -6.64 -5.58
H41 C8E Y . -22.51 -6.86 -7.89
H42 C8E Y . -20.77 -6.60 -7.83
H51 C8E Y . -21.18 -8.97 -8.29
H52 C8E Y . -20.51 -8.82 -6.67
H62 C8E Y . -22.56 -10.31 -6.94
H62 C8E Y . -22.60 -9.19 -5.63
#